data_8V1J
#
_entry.id   8V1J
#
_cell.length_a   43.650
_cell.length_b   34.300
_cell.length_c   70.740
_cell.angle_alpha   90.000
_cell.angle_beta   92.904
_cell.angle_gamma   90.000
#
_symmetry.space_group_name_H-M   'P 1 21 1'
#
loop_
_entity.id
_entity.type
_entity.pdbx_description
1 polymer AvrSr27
2 non-polymer 'ZINC ION'
3 water water
#
_entity_poly.entity_id   1
_entity_poly.type   'polypeptide(L)'
_entity_poly.pdbx_seq_one_letter_code
;GPMTPHHQSNCNSPSLTFPRFIGKCDSCQLHTKATNLVSCTSCRKSSLVYEECSTKGCPANWHKSTCQEPKFNRGILSCY
CENCQQHTKEKQTISCKNCKNSATTFSHCSSPECHSRWSF
;
_entity_poly.pdbx_strand_id   A,B
#
# COMPACT_ATOMS: atom_id res chain seq x y z
N HIS A 6 13.38 -26.16 15.40
CA HIS A 6 14.13 -26.36 14.16
C HIS A 6 14.07 -27.81 13.70
N HIS A 7 13.61 -28.71 14.58
CA HIS A 7 13.26 -30.05 14.17
C HIS A 7 12.04 -30.06 13.25
N GLN A 8 11.32 -28.94 13.17
CA GLN A 8 10.13 -28.86 12.34
C GLN A 8 10.48 -28.95 10.86
N SER A 9 9.45 -29.17 10.05
CA SER A 9 9.59 -29.25 8.60
C SER A 9 8.59 -28.32 7.96
N ASN A 10 8.89 -27.93 6.72
CA ASN A 10 8.06 -26.98 6.00
C ASN A 10 6.76 -27.63 5.51
N CYS A 11 5.80 -26.79 5.14
CA CYS A 11 4.56 -27.22 4.54
C CYS A 11 4.68 -27.10 3.02
N ASN A 12 4.51 -28.22 2.32
CA ASN A 12 4.73 -28.27 0.88
C ASN A 12 3.43 -28.16 0.08
N SER A 13 2.31 -27.90 0.74
CA SER A 13 1.01 -27.73 0.07
C SER A 13 0.35 -26.46 0.58
N PRO A 14 0.86 -25.29 0.21
CA PRO A 14 0.19 -24.04 0.57
C PRO A 14 -1.21 -23.98 -0.03
N SER A 15 -2.19 -23.70 0.82
CA SER A 15 -3.59 -23.54 0.41
C SER A 15 -4.15 -22.38 1.23
N LEU A 16 -4.24 -21.21 0.60
CA LEU A 16 -4.38 -19.95 1.33
C LEU A 16 -5.84 -19.55 1.50
N THR A 17 -6.12 -18.95 2.65
CA THR A 17 -7.40 -18.29 2.92
C THR A 17 -7.08 -17.01 3.67
N PHE A 18 -8.07 -16.12 3.79
CA PHE A 18 -7.85 -14.77 4.30
C PHE A 18 -8.86 -14.46 5.40
N PRO A 19 -8.67 -15.03 6.59
CA PRO A 19 -9.66 -14.84 7.66
C PRO A 19 -9.75 -13.40 8.12
N ARG A 20 -10.87 -13.09 8.79
CA ARG A 20 -11.11 -11.77 9.36
C ARG A 20 -11.82 -11.95 10.68
N PHE A 21 -11.23 -11.42 11.76
CA PHE A 21 -11.85 -11.44 13.08
C PHE A 21 -12.06 -10.01 13.56
N ILE A 22 -13.14 -9.82 14.30
CA ILE A 22 -13.42 -8.56 14.98
C ILE A 22 -12.97 -8.68 16.44
N GLY A 23 -12.33 -7.63 16.94
CA GLY A 23 -11.88 -7.61 18.32
C GLY A 23 -11.88 -6.22 18.89
N LYS A 24 -11.26 -6.04 20.06
CA LYS A 24 -11.23 -4.75 20.72
C LYS A 24 -10.13 -3.88 20.12
N CYS A 25 -10.49 -2.68 19.67
CA CYS A 25 -9.50 -1.70 19.25
C CYS A 25 -8.83 -1.11 20.47
N ASP A 26 -7.49 -1.11 20.48
CA ASP A 26 -6.77 -0.60 21.64
C ASP A 26 -6.94 0.89 21.81
N SER A 27 -7.21 1.62 20.72
CA SER A 27 -7.33 3.07 20.80
C SER A 27 -8.67 3.51 21.39
N CYS A 28 -9.76 3.23 20.68
CA CYS A 28 -11.08 3.64 21.17
C CYS A 28 -11.66 2.67 22.19
N GLN A 29 -11.12 1.45 22.28
CA GLN A 29 -11.54 0.43 23.23
C GLN A 29 -12.91 -0.15 22.92
N LEU A 30 -13.43 0.08 21.72
CA LEU A 30 -14.67 -0.54 21.29
C LEU A 30 -14.37 -1.81 20.51
N HIS A 31 -15.39 -2.67 20.40
CA HIS A 31 -15.24 -3.96 19.73
C HIS A 31 -15.41 -3.77 18.22
N THR A 32 -14.44 -3.04 17.65
CA THR A 32 -14.52 -2.59 16.27
C THR A 32 -13.23 -2.80 15.49
N LYS A 33 -12.25 -3.52 16.04
CA LYS A 33 -10.97 -3.75 15.37
C LYS A 33 -11.05 -5.02 14.53
N ALA A 34 -10.86 -4.87 13.22
CA ALA A 34 -10.91 -5.99 12.29
C ALA A 34 -9.49 -6.41 11.93
N THR A 35 -9.11 -7.61 12.33
CA THR A 35 -7.79 -8.17 12.04
C THR A 35 -7.93 -9.08 10.83
N ASN A 36 -7.22 -8.74 9.74
CA ASN A 36 -7.26 -9.49 8.50
C ASN A 36 -5.94 -10.22 8.31
N LEU A 37 -6.02 -11.51 8.00
CA LEU A 37 -4.85 -12.36 7.96
C LEU A 37 -4.76 -13.07 6.61
N VAL A 38 -3.63 -13.73 6.39
CA VAL A 38 -3.48 -14.77 5.39
C VAL A 38 -3.11 -16.05 6.12
N SER A 39 -3.83 -17.13 5.83
CA SER A 39 -3.65 -18.39 6.52
C SER A 39 -3.53 -19.53 5.51
N CYS A 40 -2.69 -20.50 5.84
CA CYS A 40 -2.62 -21.75 5.10
C CYS A 40 -3.44 -22.79 5.86
N THR A 41 -4.48 -23.30 5.22
CA THR A 41 -5.32 -24.31 5.86
C THR A 41 -4.59 -25.63 6.06
N SER A 42 -3.55 -25.90 5.26
CA SER A 42 -2.85 -27.17 5.37
C SER A 42 -2.01 -27.23 6.65
N CYS A 43 -1.26 -26.16 6.94
CA CYS A 43 -0.39 -26.12 8.09
C CYS A 43 -0.88 -25.19 9.20
N ARG A 44 -1.91 -24.38 8.94
CA ARG A 44 -2.58 -23.58 9.97
C ARG A 44 -1.66 -22.52 10.58
N LYS A 45 -0.72 -22.01 9.80
CA LYS A 45 0.06 -20.85 10.20
C LYS A 45 -0.49 -19.61 9.50
N SER A 46 -0.30 -18.45 10.13
CA SER A 46 -0.96 -17.23 9.68
C SER A 46 0.00 -16.04 9.75
N SER A 47 -0.25 -15.06 8.89
CA SER A 47 0.51 -13.82 8.86
C SER A 47 -0.46 -12.65 8.75
N LEU A 48 -0.24 -11.61 9.56
CA LEU A 48 -1.09 -10.44 9.52
C LEU A 48 -0.97 -9.72 8.18
N VAL A 49 -2.10 -9.36 7.60
CA VAL A 49 -2.14 -8.58 6.37
C VAL A 49 -2.40 -7.10 6.65
N TYR A 50 -3.47 -6.79 7.39
CA TYR A 50 -3.76 -5.42 7.77
C TYR A 50 -4.79 -5.40 8.88
N GLU A 51 -4.81 -4.29 9.61
CA GLU A 51 -5.79 -4.05 10.67
C GLU A 51 -6.53 -2.76 10.38
N GLU A 52 -7.77 -2.68 10.84
CA GLU A 52 -8.55 -1.45 10.73
C GLU A 52 -9.58 -1.42 11.85
N CYS A 53 -9.86 -0.21 12.33
CA CYS A 53 -10.96 0.03 13.24
C CYS A 53 -12.09 0.71 12.48
N SER A 54 -13.33 0.31 12.77
CA SER A 54 -14.49 0.87 12.10
C SER A 54 -15.05 2.10 12.81
N THR A 55 -14.49 2.47 13.95
CA THR A 55 -14.98 3.62 14.70
C THR A 55 -14.61 4.91 13.99
N LYS A 56 -15.61 5.73 13.70
CA LYS A 56 -15.39 7.01 13.03
C LYS A 56 -14.60 7.94 13.94
N GLY A 57 -13.48 8.46 13.42
CA GLY A 57 -12.64 9.36 14.16
C GLY A 57 -11.55 8.72 14.99
N CYS A 58 -11.53 7.38 15.06
CA CYS A 58 -10.50 6.71 15.83
C CYS A 58 -9.17 6.77 15.07
N PRO A 59 -8.05 7.03 15.76
CA PRO A 59 -6.76 7.04 15.06
C PRO A 59 -6.46 5.73 14.33
N ALA A 60 -7.02 4.62 14.80
CA ALA A 60 -6.83 3.32 14.16
C ALA A 60 -7.74 3.12 12.95
N ASN A 61 -8.60 4.10 12.65
CA ASN A 61 -9.38 4.09 11.43
C ASN A 61 -8.63 4.89 10.38
N TRP A 62 -8.31 4.26 9.25
CA TRP A 62 -7.42 4.84 8.24
C TRP A 62 -8.13 5.76 7.27
N HIS A 63 -9.43 5.99 7.43
CA HIS A 63 -10.17 6.88 6.54
C HIS A 63 -9.99 8.33 6.96
N LYS A 64 -10.08 9.22 5.96
CA LYS A 64 -10.09 10.65 6.25
C LYS A 64 -11.22 10.99 7.21
N SER A 65 -11.06 12.12 7.90
CA SER A 65 -12.13 12.61 8.76
C SER A 65 -13.34 13.05 7.98
N THR A 66 -13.17 13.40 6.70
CA THR A 66 -14.26 13.87 5.85
C THR A 66 -14.93 12.74 5.06
N CYS A 67 -14.54 11.49 5.29
CA CYS A 67 -15.10 10.38 4.54
C CYS A 67 -16.56 10.17 4.91
N GLN A 68 -17.45 10.27 3.92
CA GLN A 68 -18.88 10.08 4.17
C GLN A 68 -19.23 8.61 4.28
N GLU A 69 -18.65 7.76 3.43
CA GLU A 69 -19.00 6.35 3.36
C GLU A 69 -17.80 5.51 2.96
N PRO A 70 -17.32 4.61 3.81
CA PRO A 70 -16.27 3.68 3.40
C PRO A 70 -16.67 2.87 2.17
N LYS A 71 -15.98 3.10 1.05
CA LYS A 71 -16.19 2.33 -0.18
C LYS A 71 -14.96 1.44 -0.37
N PHE A 72 -15.04 0.23 0.19
CA PHE A 72 -13.89 -0.66 0.29
C PHE A 72 -13.57 -1.30 -1.06
N ASN A 73 -12.30 -1.25 -1.45
CA ASN A 73 -11.82 -1.99 -2.60
C ASN A 73 -10.41 -2.50 -2.31
N ARG A 74 -10.08 -3.66 -2.88
CA ARG A 74 -8.90 -4.42 -2.49
C ARG A 74 -8.11 -4.81 -3.73
N GLY A 75 -6.81 -4.55 -3.71
CA GLY A 75 -5.95 -4.83 -4.84
C GLY A 75 -4.86 -5.83 -4.55
N ILE A 76 -4.34 -6.49 -5.59
CA ILE A 76 -3.33 -7.52 -5.46
C ILE A 76 -2.19 -7.21 -6.42
N LEU A 77 -0.97 -7.15 -5.88
CA LEU A 77 0.24 -7.07 -6.69
C LEU A 77 1.04 -8.36 -6.50
N SER A 78 1.68 -8.81 -7.58
CA SER A 78 2.43 -10.06 -7.58
C SER A 78 3.91 -9.75 -7.79
N CYS A 79 4.75 -10.26 -6.88
CA CYS A 79 6.17 -9.94 -6.87
C CYS A 79 7.00 -11.21 -6.77
N TYR A 80 8.29 -11.06 -7.10
CA TYR A 80 9.28 -12.07 -6.76
C TYR A 80 9.76 -11.84 -5.33
N CYS A 81 9.90 -12.93 -4.59
CA CYS A 81 10.31 -12.84 -3.19
C CYS A 81 11.82 -12.77 -3.07
N GLU A 82 12.29 -11.95 -2.12
CA GLU A 82 13.71 -11.77 -1.92
C GLU A 82 14.33 -12.86 -1.06
N ASN A 83 13.52 -13.71 -0.42
CA ASN A 83 14.01 -14.79 0.43
C ASN A 83 14.06 -16.13 -0.28
N CYS A 84 13.01 -16.47 -1.04
CA CYS A 84 12.93 -17.78 -1.70
C CYS A 84 13.03 -17.69 -3.21
N GLN A 85 13.03 -16.50 -3.79
CA GLN A 85 13.20 -16.26 -5.22
C GLN A 85 12.07 -16.86 -6.06
N GLN A 86 10.95 -17.21 -5.44
CA GLN A 86 9.78 -17.66 -6.17
C GLN A 86 8.89 -16.47 -6.53
N HIS A 87 7.97 -16.70 -7.46
CA HIS A 87 6.95 -15.70 -7.78
C HIS A 87 5.73 -15.90 -6.89
N THR A 88 5.95 -15.91 -5.58
CA THR A 88 4.92 -16.25 -4.60
C THR A 88 4.63 -15.12 -3.62
N LYS A 89 5.15 -13.92 -3.86
CA LYS A 89 4.95 -12.80 -2.97
C LYS A 89 3.78 -11.94 -3.44
N GLU A 90 2.98 -11.47 -2.49
CA GLU A 90 1.85 -10.60 -2.77
C GLU A 90 1.93 -9.36 -1.90
N LYS A 91 1.71 -8.20 -2.50
CA LYS A 91 1.49 -6.95 -1.79
C LYS A 91 0.05 -6.54 -2.07
N GLN A 92 -0.80 -6.61 -1.04
CA GLN A 92 -2.18 -6.22 -1.17
C GLN A 92 -2.35 -4.73 -0.86
N THR A 93 -3.35 -4.13 -1.49
CA THR A 93 -3.63 -2.70 -1.32
C THR A 93 -5.05 -2.52 -0.84
N ILE A 94 -5.23 -1.69 0.18
CA ILE A 94 -6.53 -1.37 0.77
C ILE A 94 -6.71 0.14 0.71
N SER A 95 -7.74 0.58 -0.01
CA SER A 95 -8.03 2.00 -0.12
C SER A 95 -9.53 2.21 -0.24
N CYS A 96 -9.93 3.48 -0.11
CA CYS A 96 -11.34 3.87 -0.14
C CYS A 96 -11.62 4.65 -1.41
N LYS A 97 -12.64 4.23 -2.15
CA LYS A 97 -12.95 4.87 -3.43
C LYS A 97 -13.49 6.28 -3.24
N ASN A 98 -14.14 6.55 -2.11
CA ASN A 98 -14.70 7.87 -1.87
C ASN A 98 -13.64 8.82 -1.30
N CYS A 99 -12.96 8.40 -0.23
CA CYS A 99 -12.12 9.31 0.53
C CYS A 99 -10.65 9.27 0.12
N LYS A 100 -10.21 8.22 -0.57
CA LYS A 100 -8.90 8.13 -1.22
C LYS A 100 -7.75 7.78 -0.28
N ASN A 101 -8.01 7.59 1.02
CA ASN A 101 -6.96 7.14 1.92
C ASN A 101 -6.73 5.64 1.77
N SER A 102 -5.64 5.17 2.36
CA SER A 102 -5.27 3.77 2.29
C SER A 102 -4.88 3.26 3.67
N ALA A 103 -4.99 1.95 3.85
CA ALA A 103 -4.54 1.29 5.07
C ALA A 103 -3.16 0.69 4.86
N THR A 104 -2.38 0.66 5.94
CA THR A 104 -1.08 0.01 5.90
C THR A 104 -1.27 -1.49 5.74
N THR A 105 -0.43 -2.09 4.91
CA THR A 105 -0.52 -3.51 4.60
C THR A 105 0.86 -4.15 4.72
N PHE A 106 0.86 -5.42 5.12
CA PHE A 106 2.07 -6.22 5.20
C PHE A 106 2.03 -7.28 4.12
N SER A 107 3.11 -7.40 3.36
CA SER A 107 3.18 -8.39 2.30
C SER A 107 3.36 -9.79 2.88
N HIS A 108 3.25 -10.79 2.02
CA HIS A 108 3.45 -12.18 2.42
C HIS A 108 3.95 -12.97 1.22
N CYS A 109 4.60 -14.08 1.51
CA CYS A 109 5.04 -15.03 0.50
C CYS A 109 4.46 -16.40 0.83
N SER A 110 3.89 -17.05 -0.17
CA SER A 110 3.17 -18.31 0.02
C SER A 110 4.01 -19.54 -0.25
N SER A 111 5.28 -19.38 -0.61
CA SER A 111 6.11 -20.53 -0.91
C SER A 111 6.23 -21.42 0.34
N PRO A 112 6.48 -22.72 0.16
CA PRO A 112 6.75 -23.55 1.34
C PRO A 112 7.80 -22.97 2.26
N GLU A 113 8.90 -22.44 1.69
CA GLU A 113 10.00 -21.94 2.50
C GLU A 113 9.55 -20.77 3.38
N CYS A 114 8.82 -19.81 2.81
CA CYS A 114 8.50 -18.58 3.53
C CYS A 114 7.28 -18.74 4.41
N HIS A 115 6.18 -19.26 3.86
CA HIS A 115 4.93 -19.29 4.61
C HIS A 115 5.02 -20.19 5.84
N SER A 116 5.96 -21.15 5.85
CA SER A 116 6.15 -22.00 7.02
C SER A 116 6.70 -21.23 8.22
N ARG A 117 7.28 -20.05 7.99
CA ARG A 117 7.81 -19.22 9.07
C ARG A 117 6.81 -18.16 9.53
N TRP A 118 5.62 -18.11 8.94
CA TRP A 118 4.58 -17.20 9.40
C TRP A 118 4.33 -17.41 10.90
N SER A 119 4.01 -16.31 11.57
CA SER A 119 3.69 -16.35 13.00
C SER A 119 2.55 -15.38 13.27
N PHE A 120 1.82 -15.64 14.35
CA PHE A 120 0.78 -14.72 14.79
C PHE A 120 0.29 -15.08 16.20
N SER B 9 4.49 4.83 -32.20
CA SER B 9 3.79 5.74 -31.31
C SER B 9 4.05 5.41 -29.84
N ASN B 10 4.91 4.42 -29.60
CA ASN B 10 5.34 4.07 -28.25
C ASN B 10 6.77 4.55 -28.03
N CYS B 11 7.02 5.14 -26.86
CA CYS B 11 8.36 5.59 -26.49
C CYS B 11 9.19 4.38 -26.11
N ASN B 12 10.23 4.10 -26.90
CA ASN B 12 11.11 2.97 -26.66
C ASN B 12 12.36 3.35 -25.87
N SER B 13 12.42 4.56 -25.33
CA SER B 13 13.57 5.03 -24.57
C SER B 13 13.11 5.56 -23.21
N PRO B 14 12.58 4.69 -22.36
CA PRO B 14 12.13 5.12 -21.03
C PRO B 14 13.31 5.57 -20.17
N SER B 15 13.30 6.85 -19.81
CA SER B 15 14.32 7.46 -18.94
C SER B 15 13.55 8.20 -17.85
N LEU B 16 13.33 7.52 -16.72
CA LEU B 16 12.42 8.02 -15.71
C LEU B 16 13.09 9.03 -14.79
N THR B 17 12.31 10.01 -14.34
CA THR B 17 12.65 10.90 -13.25
C THR B 17 11.47 10.95 -12.27
N PHE B 18 11.63 11.68 -11.17
CA PHE B 18 10.65 11.67 -10.08
C PHE B 18 10.55 13.06 -9.47
N PRO B 19 9.97 14.00 -10.19
CA PRO B 19 9.85 15.38 -9.68
C PRO B 19 8.83 15.48 -8.56
N ARG B 20 8.91 16.59 -7.83
CA ARG B 20 8.06 16.86 -6.68
C ARG B 20 7.66 18.32 -6.71
N PHE B 21 6.36 18.59 -6.68
CA PHE B 21 5.83 19.94 -6.77
C PHE B 21 5.04 20.29 -5.52
N ILE B 22 5.14 21.55 -5.10
CA ILE B 22 4.39 22.08 -3.96
C ILE B 22 3.30 22.99 -4.49
N GLY B 23 2.09 22.83 -3.98
CA GLY B 23 0.96 23.63 -4.42
C GLY B 23 -0.01 23.85 -3.28
N LYS B 24 -1.07 24.61 -3.57
CA LYS B 24 -2.08 24.91 -2.55
C LYS B 24 -2.97 23.71 -2.29
N CYS B 25 -3.26 23.46 -1.02
CA CYS B 25 -4.11 22.35 -0.61
C CYS B 25 -5.56 22.81 -0.52
N ASP B 26 -6.45 22.11 -1.20
CA ASP B 26 -7.86 22.50 -1.20
C ASP B 26 -8.47 22.44 0.20
N SER B 27 -7.93 21.58 1.08
CA SER B 27 -8.55 21.36 2.38
C SER B 27 -8.14 22.39 3.44
N CYS B 28 -6.83 22.63 3.62
CA CYS B 28 -6.37 23.60 4.60
C CYS B 28 -5.98 24.94 3.98
N GLN B 29 -6.02 25.06 2.65
CA GLN B 29 -5.77 26.31 1.94
C GLN B 29 -4.35 26.83 2.14
N LEU B 30 -3.43 25.98 2.54
CA LEU B 30 -2.02 26.34 2.63
C LEU B 30 -1.25 25.70 1.47
N HIS B 31 -0.09 26.27 1.17
CA HIS B 31 0.76 25.76 0.10
C HIS B 31 1.64 24.62 0.64
N THR B 32 0.94 23.56 1.06
CA THR B 32 1.56 22.42 1.73
C THR B 32 1.18 21.10 1.07
N LYS B 33 0.71 21.15 -0.17
CA LYS B 33 0.28 19.98 -0.92
C LYS B 33 1.41 19.53 -1.82
N ALA B 34 1.93 18.33 -1.58
CA ALA B 34 3.05 17.79 -2.32
C ALA B 34 2.55 16.79 -3.35
N THR B 35 2.92 16.99 -4.61
CA THR B 35 2.54 16.13 -5.71
C THR B 35 3.80 15.45 -6.25
N ASN B 36 3.84 14.13 -6.18
CA ASN B 36 5.02 13.34 -6.55
C ASN B 36 4.71 12.56 -7.82
N LEU B 37 5.47 12.85 -8.88
CA LEU B 37 5.25 12.24 -10.18
C LEU B 37 6.38 11.30 -10.53
N VAL B 38 6.11 10.47 -11.54
CA VAL B 38 7.14 9.80 -12.32
C VAL B 38 6.98 10.24 -13.76
N SER B 39 8.09 10.55 -14.43
CA SER B 39 8.06 11.13 -15.75
C SER B 39 9.20 10.58 -16.59
N CYS B 40 8.96 10.48 -17.90
CA CYS B 40 9.98 10.04 -18.85
C CYS B 40 10.54 11.27 -19.56
N THR B 41 11.86 11.47 -19.43
CA THR B 41 12.48 12.64 -20.03
C THR B 41 12.58 12.54 -21.56
N SER B 42 12.24 11.39 -22.14
CA SER B 42 12.27 11.24 -23.60
C SER B 42 10.95 11.67 -24.23
N CYS B 43 9.82 11.16 -23.72
CA CYS B 43 8.50 11.51 -24.24
C CYS B 43 7.73 12.48 -23.36
N ARG B 44 8.20 12.70 -22.12
CA ARG B 44 7.69 13.74 -21.24
C ARG B 44 6.27 13.47 -20.74
N LYS B 45 5.80 12.24 -20.86
CA LYS B 45 4.55 11.86 -20.22
C LYS B 45 4.80 11.59 -18.74
N SER B 46 3.76 11.79 -17.93
CA SER B 46 3.89 11.67 -16.48
C SER B 46 2.70 10.94 -15.90
N SER B 47 2.95 10.25 -14.79
CA SER B 47 1.91 9.59 -14.00
C SER B 47 2.11 9.93 -12.53
N LEU B 48 1.00 10.20 -11.84
CA LEU B 48 1.06 10.52 -10.42
C LEU B 48 1.43 9.29 -9.61
N VAL B 49 2.20 9.51 -8.54
CA VAL B 49 2.61 8.46 -7.62
C VAL B 49 1.92 8.61 -6.27
N TYR B 50 1.98 9.79 -5.66
CA TYR B 50 1.21 10.02 -4.45
C TYR B 50 1.16 11.51 -4.12
N GLU B 51 0.04 11.91 -3.52
CA GLU B 51 -0.15 13.24 -2.98
C GLU B 51 -0.12 13.19 -1.45
N GLU B 52 0.28 14.30 -0.83
CA GLU B 52 0.23 14.40 0.62
C GLU B 52 0.25 15.86 1.02
N CYS B 53 -0.41 16.17 2.13
CA CYS B 53 -0.35 17.48 2.77
C CYS B 53 0.40 17.35 4.09
N SER B 54 1.24 18.34 4.38
CA SER B 54 2.06 18.34 5.60
C SER B 54 1.41 19.06 6.77
N THR B 55 0.21 19.61 6.59
CA THR B 55 -0.47 20.32 7.65
C THR B 55 -1.11 19.33 8.62
N LYS B 56 -0.67 19.35 9.88
CA LYS B 56 -1.23 18.45 10.88
C LYS B 56 -2.71 18.74 11.08
N GLY B 57 -3.51 17.67 11.15
CA GLY B 57 -4.94 17.79 11.30
C GLY B 57 -5.69 17.94 10.00
N CYS B 58 -4.99 18.17 8.89
CA CYS B 58 -5.63 18.31 7.59
C CYS B 58 -6.05 16.93 7.06
N PRO B 59 -7.25 16.80 6.50
CA PRO B 59 -7.64 15.49 5.96
C PRO B 59 -6.69 14.96 4.91
N ALA B 60 -6.10 15.84 4.11
CA ALA B 60 -5.12 15.43 3.11
C ALA B 60 -3.83 14.92 3.75
N ASN B 61 -3.69 15.04 5.07
CA ASN B 61 -2.56 14.49 5.80
C ASN B 61 -2.91 13.07 6.24
N TRP B 62 -2.12 12.10 5.80
CA TRP B 62 -2.42 10.68 6.00
C TRP B 62 -1.90 10.16 7.33
N HIS B 63 -1.36 11.01 8.18
CA HIS B 63 -0.82 10.58 9.46
C HIS B 63 -1.91 10.47 10.51
N LYS B 64 -1.69 9.60 11.49
CA LYS B 64 -2.57 9.54 12.65
C LYS B 64 -2.60 10.88 13.35
N SER B 65 -3.73 11.18 13.98
CA SER B 65 -3.82 12.39 14.80
C SER B 65 -2.87 12.32 15.98
N THR B 66 -2.52 11.11 16.42
CA THR B 66 -1.60 10.91 17.53
C THR B 66 -0.14 10.93 17.10
N CYS B 67 0.14 11.27 15.85
CA CYS B 67 1.52 11.25 15.36
C CYS B 67 2.23 12.52 15.79
N GLN B 68 3.29 12.36 16.58
CA GLN B 68 4.09 13.48 17.07
C GLN B 68 5.31 13.77 16.22
N GLU B 69 5.63 12.92 15.24
CA GLU B 69 6.81 13.16 14.41
C GLU B 69 6.77 12.29 13.15
N PRO B 70 6.42 12.86 12.00
CA PRO B 70 6.49 12.11 10.74
C PRO B 70 7.90 11.59 10.46
N LYS B 71 8.00 10.28 10.20
CA LYS B 71 9.26 9.62 9.85
C LYS B 71 9.00 8.74 8.62
N PHE B 72 9.40 9.21 7.45
CA PHE B 72 9.08 8.50 6.22
C PHE B 72 9.79 7.15 6.16
N ASN B 73 9.18 6.22 5.41
CA ASN B 73 9.77 4.93 5.08
C ASN B 73 9.30 4.57 3.67
N ARG B 74 10.20 4.63 2.70
CA ARG B 74 9.87 4.45 1.30
C ARG B 74 10.32 3.06 0.84
N GLY B 75 9.36 2.19 0.58
CA GLY B 75 9.62 0.86 0.05
C GLY B 75 9.28 0.79 -1.42
N ILE B 76 10.18 0.18 -2.19
CA ILE B 76 10.01 0.02 -3.63
C ILE B 76 9.86 -1.47 -3.94
N LEU B 77 8.85 -1.81 -4.74
CA LEU B 77 8.57 -3.19 -5.13
C LEU B 77 8.48 -3.28 -6.65
N SER B 78 9.07 -4.33 -7.20
CA SER B 78 9.02 -4.62 -8.63
C SER B 78 8.02 -5.75 -8.85
N CYS B 79 6.88 -5.44 -9.47
CA CYS B 79 5.76 -6.36 -9.56
C CYS B 79 5.48 -6.72 -11.01
N TYR B 80 4.65 -7.74 -11.18
CA TYR B 80 4.24 -8.19 -12.50
C TYR B 80 3.17 -7.27 -13.07
N CYS B 81 3.36 -6.82 -14.30
CA CYS B 81 2.41 -5.95 -14.97
C CYS B 81 1.43 -6.80 -15.79
N GLU B 82 0.14 -6.56 -15.59
CA GLU B 82 -0.89 -7.28 -16.33
C GLU B 82 -1.03 -6.77 -17.76
N ASN B 83 -0.65 -5.53 -18.03
CA ASN B 83 -0.89 -4.94 -19.34
C ASN B 83 0.23 -5.23 -20.34
N CYS B 84 1.47 -5.38 -19.88
CA CYS B 84 2.59 -5.69 -20.76
C CYS B 84 3.25 -7.02 -20.44
N GLN B 85 2.80 -7.73 -19.40
CA GLN B 85 3.26 -9.07 -19.06
C GLN B 85 4.73 -9.11 -18.65
N GLN B 86 5.30 -7.97 -18.25
CA GLN B 86 6.65 -7.90 -17.75
C GLN B 86 6.64 -7.50 -16.28
N HIS B 87 7.79 -7.67 -15.62
CA HIS B 87 7.93 -7.32 -14.21
C HIS B 87 8.49 -5.90 -14.05
N THR B 88 7.89 -4.96 -14.77
CA THR B 88 8.31 -3.57 -14.78
C THR B 88 7.35 -2.65 -14.03
N LYS B 89 6.38 -3.22 -13.31
CA LYS B 89 5.37 -2.44 -12.61
C LYS B 89 5.87 -2.14 -11.20
N GLU B 90 6.22 -0.88 -10.97
CA GLU B 90 6.79 -0.47 -9.69
C GLU B 90 5.68 -0.11 -8.71
N LYS B 91 5.74 -0.69 -7.52
CA LYS B 91 4.87 -0.33 -6.42
C LYS B 91 5.70 0.34 -5.33
N GLN B 92 5.27 1.53 -4.93
CA GLN B 92 5.94 2.29 -3.89
C GLN B 92 5.06 2.29 -2.64
N THR B 93 5.69 2.17 -1.48
CA THR B 93 4.99 2.26 -0.20
C THR B 93 5.54 3.46 0.56
N ILE B 94 4.62 4.31 1.02
CA ILE B 94 4.96 5.47 1.83
C ILE B 94 4.24 5.30 3.16
N SER B 95 4.99 5.11 4.23
CA SER B 95 4.43 4.91 5.56
C SER B 95 5.28 5.66 6.58
N CYS B 96 4.72 5.82 7.77
CA CYS B 96 5.36 6.55 8.86
C CYS B 96 5.85 5.55 9.89
N LYS B 97 7.14 5.61 10.20
CA LYS B 97 7.72 4.67 11.17
C LYS B 97 7.13 4.86 12.55
N ASN B 98 6.69 6.07 12.89
CA ASN B 98 6.16 6.35 14.22
C ASN B 98 4.70 5.93 14.34
N CYS B 99 3.82 6.55 13.54
CA CYS B 99 2.40 6.33 13.68
C CYS B 99 1.89 5.12 12.89
N LYS B 100 2.72 4.55 12.01
CA LYS B 100 2.42 3.31 11.29
C LYS B 100 1.40 3.49 10.17
N ASN B 101 0.85 4.67 9.97
CA ASN B 101 -0.08 4.88 8.87
C ASN B 101 0.67 4.90 7.55
N SER B 102 -0.09 4.89 6.45
CA SER B 102 0.48 4.84 5.11
C SER B 102 -0.27 5.84 4.22
N ALA B 103 0.42 6.28 3.18
CA ALA B 103 -0.17 7.14 2.17
C ALA B 103 -0.65 6.33 0.98
N THR B 104 -1.65 6.87 0.28
CA THR B 104 -2.14 6.21 -0.93
C THR B 104 -1.13 6.40 -2.06
N THR B 105 -0.74 5.30 -2.68
CA THR B 105 0.21 5.30 -3.78
C THR B 105 -0.39 4.61 -4.99
N PHE B 106 -0.14 5.16 -6.17
CA PHE B 106 -0.50 4.54 -7.44
C PHE B 106 0.76 3.99 -8.10
N SER B 107 0.66 2.77 -8.60
CA SER B 107 1.80 2.13 -9.24
C SER B 107 1.98 2.64 -10.67
N HIS B 108 3.11 2.29 -11.27
CA HIS B 108 3.40 2.69 -12.63
C HIS B 108 4.31 1.65 -13.26
N CYS B 109 4.05 1.36 -14.54
CA CYS B 109 4.90 0.48 -15.32
C CYS B 109 5.74 1.30 -16.28
N SER B 110 7.01 0.93 -16.42
CA SER B 110 7.97 1.68 -17.22
C SER B 110 8.18 1.08 -18.60
N SER B 111 7.44 0.02 -18.95
CA SER B 111 7.62 -0.60 -20.25
C SER B 111 7.20 0.36 -21.36
N PRO B 112 7.78 0.22 -22.56
CA PRO B 112 7.32 1.05 -23.68
C PRO B 112 5.81 0.99 -23.88
N GLU B 113 5.20 -0.19 -23.76
CA GLU B 113 3.77 -0.31 -23.96
C GLU B 113 2.99 0.53 -22.97
N CYS B 114 3.42 0.55 -21.71
CA CYS B 114 2.62 1.06 -20.60
C CYS B 114 2.92 2.50 -20.23
N HIS B 115 4.20 2.88 -20.13
CA HIS B 115 4.50 4.26 -19.77
C HIS B 115 4.10 5.24 -20.87
N SER B 116 3.81 4.73 -22.07
CA SER B 116 3.27 5.56 -23.15
C SER B 116 1.80 5.92 -22.92
N ARG B 117 1.14 5.29 -21.95
CA ARG B 117 -0.24 5.63 -21.61
C ARG B 117 -0.33 6.64 -20.48
N TRP B 118 0.77 6.97 -19.82
CA TRP B 118 0.76 7.98 -18.77
C TRP B 118 0.18 9.28 -19.31
N SER B 119 -0.63 9.94 -18.49
CA SER B 119 -1.34 11.13 -18.95
C SER B 119 -1.75 12.04 -17.80
N PHE B 120 -0.86 12.24 -16.83
CA PHE B 120 -1.14 13.17 -15.74
C PHE B 120 -1.35 14.59 -16.29
#